data_6FQ4
#
_entry.id   6FQ4
#
_cell.length_a   51.807
_cell.length_b   66.873
_cell.length_c   95.832
_cell.angle_alpha   90.00
_cell.angle_beta   90.00
_cell.angle_gamma   90.00
#
_symmetry.space_group_name_H-M   'P 21 21 2'
#
loop_
_entity.id
_entity.type
_entity.pdbx_description
1 polymer Vinculin
2 polymer TarP-VBS1
3 water water
#
loop_
_entity_poly.entity_id
_entity_poly.type
_entity_poly.pdbx_seq_one_letter_code
_entity_poly.pdbx_strand_id
1 'polypeptide(L)'
;MGSSHHHHHHSSGLVPRGSHMMPVFHTRTIESILEPVAQQISHLVIMHEEGEVDGKAIPDLTAPVSAVQAAVSNLVRVGK
ETVQTTEDQILKRDMPPAFIKVENACTKLVRAAQMLQADPYSVPARDYLIDGSRGILSGTSDLLLTFDEAEVRKIIRVCK
GILEYLTVAEVVETMEDLVTYTKNLGPGMTKMAKMIDERQQELTHQEHRVMLVNSMNTVKELLPVLISAMKIFVTTKNTK
SQGIEEALKNRNFTVEKMSAEINEIIRVLQLTSWDEDAWA
;
A
2 'polypeptide(L)' LLEAARNTTTMLSKTLSKVC B
#
# COMPACT_ATOMS: atom_id res chain seq x y z
N MET A 22 14.77 -4.40 8.00
CA MET A 22 16.03 -4.02 7.29
C MET A 22 15.72 -2.94 6.26
N PRO A 23 14.91 -3.27 5.23
CA PRO A 23 14.50 -2.21 4.30
C PRO A 23 13.47 -1.28 4.93
N VAL A 24 13.32 -0.12 4.33
CA VAL A 24 12.42 0.89 4.88
C VAL A 24 11.00 0.46 4.56
N PHE A 25 10.06 0.88 5.40
CA PHE A 25 8.65 0.59 5.19
C PHE A 25 8.04 1.35 4.03
N HIS A 26 7.11 0.72 3.34
CA HIS A 26 6.50 1.29 2.12
C HIS A 26 5.69 2.56 2.37
N THR A 27 4.93 2.58 3.46
CA THR A 27 3.99 3.65 3.74
C THR A 27 4.24 4.13 5.14
N ARG A 28 3.94 5.40 5.42
CA ARG A 28 4.12 5.92 6.76
C ARG A 28 3.17 5.22 7.74
N THR A 29 1.96 4.94 7.30
CA THR A 29 1.00 4.25 8.14
C THR A 29 1.57 2.93 8.55
N ILE A 30 2.07 2.18 7.58
CA ILE A 30 2.65 0.90 7.92
C ILE A 30 3.77 1.15 8.89
N GLU A 31 4.66 2.05 8.50
CA GLU A 31 5.84 2.35 9.29
C GLU A 31 5.56 2.78 10.69
N SER A 32 4.47 3.52 10.87
CA SER A 32 4.04 3.93 12.19
C SER A 32 3.76 2.69 13.02
N ILE A 33 3.09 1.72 12.41
CA ILE A 33 2.72 0.53 13.12
C ILE A 33 3.97 -0.30 13.41
N LEU A 34 4.90 -0.38 12.48
CA LEU A 34 6.02 -1.29 12.67
C LEU A 34 7.34 -0.71 13.11
N GLU A 35 7.63 0.57 12.90
CA GLU A 35 8.97 1.05 13.22
C GLU A 35 9.34 0.92 14.66
N PRO A 36 8.44 1.33 15.56
CA PRO A 36 8.78 1.25 16.97
C PRO A 36 9.10 -0.16 17.33
N VAL A 37 8.23 -1.09 16.96
CA VAL A 37 8.48 -2.48 17.31
C VAL A 37 9.74 -3.04 16.67
N ALA A 38 9.80 -3.05 15.34
CA ALA A 38 10.89 -3.63 14.56
C ALA A 38 12.23 -3.34 15.18
N GLN A 39 12.42 -2.07 15.45
CA GLN A 39 13.58 -1.61 16.16
C GLN A 39 13.88 -2.46 17.40
N GLN A 40 12.90 -2.58 18.30
CA GLN A 40 13.07 -3.31 19.58
C GLN A 40 13.66 -4.69 19.39
N ILE A 41 13.25 -5.36 18.34
CA ILE A 41 13.75 -6.68 18.07
C ILE A 41 15.24 -6.63 17.92
N SER A 42 15.71 -5.70 17.10
CA SER A 42 17.11 -5.60 16.76
C SER A 42 17.93 -5.44 18.02
N HIS A 43 17.52 -4.53 18.89
CA HIS A 43 18.28 -4.33 20.11
C HIS A 43 18.37 -5.70 20.75
N LEU A 44 17.28 -6.42 20.71
CA LEU A 44 17.24 -7.73 21.30
C LEU A 44 18.14 -8.67 20.56
N VAL A 45 18.16 -8.60 19.23
CA VAL A 45 19.03 -9.48 18.46
C VAL A 45 20.49 -9.26 18.77
N ILE A 46 20.93 -8.02 18.69
CA ILE A 46 22.31 -7.70 19.03
C ILE A 46 22.54 -7.99 20.49
N MET A 47 21.59 -7.58 21.32
CA MET A 47 21.73 -7.66 22.77
C MET A 47 21.95 -9.06 23.30
N HIS A 48 21.21 -10.03 22.78
CA HIS A 48 21.38 -11.40 23.25
C HIS A 48 22.81 -11.87 23.05
N GLU A 49 23.38 -11.58 21.89
CA GLU A 49 24.72 -12.04 21.57
C GLU A 49 25.63 -11.70 22.76
N GLU A 50 25.49 -10.49 23.28
CA GLU A 50 26.19 -10.07 24.48
C GLU A 50 25.30 -10.42 25.64
N GLY A 51 25.23 -11.69 25.99
CA GLY A 51 24.31 -12.14 27.04
C GLY A 51 24.33 -11.23 28.27
N GLU A 52 23.15 -10.77 28.68
CA GLU A 52 23.01 -9.89 29.85
C GLU A 52 22.39 -10.63 31.02
N VAL A 53 22.53 -11.95 31.03
CA VAL A 53 21.98 -12.77 32.10
C VAL A 53 23.06 -13.13 33.12
N ASP A 54 23.43 -14.41 33.13
CA ASP A 54 24.39 -14.91 34.11
C ASP A 54 24.31 -14.11 35.40
N GLY A 55 23.08 -13.80 35.83
CA GLY A 55 22.87 -13.06 37.07
C GLY A 55 21.72 -12.08 36.94
N LYS A 56 21.71 -11.31 35.86
CA LYS A 56 20.63 -10.37 35.59
C LYS A 56 19.36 -11.15 35.25
N ALA A 57 19.51 -12.16 34.40
CA ALA A 57 18.38 -13.02 34.04
C ALA A 57 17.36 -12.25 33.19
N ILE A 58 16.24 -12.90 32.92
CA ILE A 58 15.12 -12.28 32.18
C ILE A 58 13.88 -12.46 33.02
N PRO A 59 13.06 -11.41 33.19
CA PRO A 59 11.89 -11.53 34.08
C PRO A 59 10.79 -12.43 33.50
N ASP A 60 9.66 -12.51 34.21
CA ASP A 60 8.48 -13.22 33.71
C ASP A 60 7.65 -12.34 32.78
N LEU A 61 7.56 -12.70 31.52
CA LEU A 61 6.79 -11.89 30.60
C LEU A 61 5.52 -12.57 30.19
N THR A 62 4.96 -13.37 31.06
CA THR A 62 3.74 -14.05 30.74
C THR A 62 2.63 -13.05 30.46
N ALA A 63 2.52 -12.03 31.30
CA ALA A 63 1.50 -11.01 31.15
C ALA A 63 1.59 -10.39 29.79
N PRO A 64 2.80 -9.96 29.42
CA PRO A 64 3.05 -9.39 28.11
C PRO A 64 2.56 -10.33 27.03
N VAL A 65 2.92 -11.59 27.11
CA VAL A 65 2.47 -12.55 26.13
C VAL A 65 0.99 -12.84 26.25
N SER A 66 0.43 -12.72 27.44
CA SER A 66 -1.02 -12.94 27.64
C SER A 66 -1.83 -12.05 26.72
N ALA A 67 -1.46 -10.78 26.58
CA ALA A 67 -2.11 -9.85 25.68
C ALA A 67 -1.79 -10.11 24.20
N VAL A 68 -0.52 -10.05 23.80
CA VAL A 68 -0.18 -10.33 22.39
C VAL A 68 -1.09 -11.44 21.84
N GLN A 69 -1.10 -12.57 22.53
CA GLN A 69 -1.88 -13.75 22.12
C GLN A 69 -3.35 -13.39 21.89
N ALA A 70 -3.84 -12.42 22.66
CA ALA A 70 -5.15 -11.82 22.42
C ALA A 70 -5.18 -10.93 21.17
N ALA A 71 -4.34 -9.90 21.11
CA ALA A 71 -4.25 -9.02 19.94
C ALA A 71 -4.11 -9.80 18.62
N VAL A 72 -3.39 -10.91 18.67
CA VAL A 72 -3.12 -11.75 17.50
C VAL A 72 -4.35 -12.56 17.09
N SER A 73 -5.06 -13.16 18.05
CA SER A 73 -6.33 -13.83 17.71
C SER A 73 -7.39 -12.81 17.19
N ASN A 74 -7.27 -11.54 17.63
CA ASN A 74 -8.15 -10.44 17.21
C ASN A 74 -7.75 -9.82 15.86
N LEU A 75 -6.49 -10.00 15.47
CA LEU A 75 -6.04 -9.65 14.14
C LEU A 75 -6.55 -10.67 13.14
N VAL A 76 -6.49 -11.96 13.52
CA VAL A 76 -7.04 -13.02 12.68
C VAL A 76 -8.58 -12.93 12.62
N ARG A 77 -9.24 -12.52 13.68
CA ARG A 77 -10.68 -12.33 13.56
C ARG A 77 -10.98 -11.19 12.58
N VAL A 78 -10.34 -10.04 12.79
CA VAL A 78 -10.54 -8.89 11.90
C VAL A 78 -10.11 -9.17 10.49
N GLY A 79 -8.93 -9.75 10.36
CA GLY A 79 -8.41 -10.10 9.06
C GLY A 79 -9.39 -11.07 8.45
N LYS A 80 -9.83 -12.02 9.26
CA LYS A 80 -10.77 -13.00 8.80
C LYS A 80 -12.06 -12.33 8.37
N GLU A 81 -12.52 -11.37 9.15
CA GLU A 81 -13.72 -10.61 8.77
C GLU A 81 -13.46 -9.93 7.43
N THR A 82 -12.31 -9.29 7.33
CA THR A 82 -11.94 -8.57 6.14
C THR A 82 -11.89 -9.44 4.90
N VAL A 83 -11.36 -10.65 4.98
CA VAL A 83 -11.32 -11.46 3.74
C VAL A 83 -12.70 -11.77 3.20
N GLN A 84 -13.67 -12.07 4.04
CA GLN A 84 -15.02 -12.30 3.54
C GLN A 84 -15.54 -11.06 2.82
N THR A 85 -15.40 -9.89 3.43
CA THR A 85 -16.01 -8.67 2.91
C THR A 85 -15.15 -7.98 1.84
N THR A 86 -14.76 -8.72 0.80
CA THR A 86 -13.89 -8.17 -0.24
C THR A 86 -14.15 -8.81 -1.61
N GLU A 87 -14.29 -7.98 -2.63
CA GLU A 87 -14.38 -8.46 -4.02
C GLU A 87 -13.02 -8.97 -4.50
N ASP A 88 -11.95 -8.33 -3.99
CA ASP A 88 -10.58 -8.62 -4.39
C ASP A 88 -10.26 -10.09 -4.16
N GLN A 89 -9.50 -10.68 -5.07
CA GLN A 89 -9.14 -12.09 -5.01
C GLN A 89 -7.67 -12.32 -4.72
N ILE A 90 -6.81 -11.37 -5.08
CA ILE A 90 -5.39 -11.44 -4.72
C ILE A 90 -5.25 -11.37 -3.21
N LEU A 91 -6.04 -10.50 -2.60
CA LEU A 91 -6.04 -10.35 -1.17
C LEU A 91 -6.54 -11.60 -0.51
N LYS A 92 -7.59 -12.17 -1.07
CA LYS A 92 -8.17 -13.38 -0.50
C LYS A 92 -7.16 -14.51 -0.43
N ARG A 93 -6.44 -14.77 -1.50
CA ARG A 93 -5.47 -15.84 -1.45
C ARG A 93 -4.23 -15.47 -0.64
N ASP A 94 -3.73 -14.25 -0.82
CA ASP A 94 -2.49 -13.85 -0.16
C ASP A 94 -2.60 -13.66 1.33
N MET A 95 -3.71 -13.08 1.77
CA MET A 95 -3.90 -12.71 3.16
C MET A 95 -3.85 -13.87 4.15
N PRO A 96 -4.53 -14.98 3.86
CA PRO A 96 -4.62 -16.07 4.84
C PRO A 96 -3.28 -16.59 5.37
N PRO A 97 -2.28 -16.78 4.51
CA PRO A 97 -0.95 -17.20 4.96
C PRO A 97 -0.35 -16.34 6.06
N ALA A 98 -0.54 -15.03 5.96
CA ALA A 98 -0.07 -14.13 6.98
C ALA A 98 -0.76 -14.32 8.33
N PHE A 99 -2.03 -14.72 8.37
CA PHE A 99 -2.71 -14.99 9.65
C PHE A 99 -1.92 -16.02 10.42
N ILE A 100 -1.64 -17.12 9.73
CA ILE A 100 -1.05 -18.27 10.38
C ILE A 100 0.41 -18.03 10.66
N LYS A 101 1.08 -17.23 9.84
CA LYS A 101 2.45 -16.90 10.11
C LYS A 101 2.49 -16.20 11.45
N VAL A 102 1.64 -15.21 11.61
CA VAL A 102 1.60 -14.48 12.86
C VAL A 102 1.05 -15.38 13.98
N GLU A 103 0.01 -16.15 13.71
CA GLU A 103 -0.58 -16.95 14.78
C GLU A 103 0.37 -18.03 15.26
N ASN A 104 1.10 -18.61 14.32
CA ASN A 104 2.13 -19.58 14.64
C ASN A 104 3.17 -18.92 15.49
N ALA A 105 3.59 -17.72 15.09
CA ALA A 105 4.65 -17.03 15.79
C ALA A 105 4.31 -16.70 17.23
N CYS A 106 3.06 -16.36 17.50
CA CYS A 106 2.67 -16.07 18.87
C CYS A 106 2.92 -17.29 19.73
N THR A 107 2.57 -18.46 19.23
CA THR A 107 2.70 -19.67 20.03
C THR A 107 4.12 -19.75 20.59
N LYS A 108 5.11 -19.47 19.75
CA LYS A 108 6.50 -19.49 20.18
C LYS A 108 6.73 -18.57 21.35
N LEU A 109 6.22 -17.36 21.25
CA LEU A 109 6.27 -16.40 22.35
C LEU A 109 5.67 -16.97 23.60
N VAL A 110 4.52 -17.57 23.48
CA VAL A 110 3.82 -18.04 24.66
C VAL A 110 4.62 -19.14 25.35
N ARG A 111 5.23 -20.04 24.58
CA ARG A 111 6.03 -21.09 25.21
C ARG A 111 7.23 -20.50 25.91
N ALA A 112 7.87 -19.55 25.24
CA ALA A 112 9.06 -18.91 25.75
C ALA A 112 8.75 -18.32 27.11
N ALA A 113 7.60 -17.70 27.23
CA ALA A 113 7.19 -17.15 28.50
C ALA A 113 6.95 -18.22 29.56
N GLN A 114 6.43 -19.37 29.12
CA GLN A 114 6.34 -20.59 29.94
C GLN A 114 7.70 -21.05 30.44
N MET A 115 8.65 -21.13 29.52
CA MET A 115 9.99 -21.61 29.85
C MET A 115 10.62 -20.67 30.86
N LEU A 116 10.38 -19.38 30.71
CA LEU A 116 10.98 -18.40 31.61
C LEU A 116 10.29 -18.27 32.94
N GLN A 117 9.07 -18.80 33.09
CA GLN A 117 8.45 -18.74 34.38
C GLN A 117 9.33 -19.53 35.34
N ALA A 118 9.85 -20.61 34.76
CA ALA A 118 10.67 -21.59 35.41
C ALA A 118 12.17 -21.43 35.31
N ASP A 119 12.72 -21.21 34.13
CA ASP A 119 14.17 -21.09 34.06
C ASP A 119 14.59 -19.79 33.44
N PRO A 120 14.49 -18.71 34.22
CA PRO A 120 14.81 -17.41 33.61
C PRO A 120 16.03 -17.41 32.68
N TYR A 121 16.87 -18.44 32.76
CA TYR A 121 18.12 -18.49 32.03
C TYR A 121 18.04 -19.29 30.72
N SER A 122 16.86 -19.84 30.40
CA SER A 122 16.69 -20.73 29.24
C SER A 122 17.30 -20.18 27.95
N VAL A 123 18.24 -20.93 27.36
CA VAL A 123 18.88 -20.57 26.08
C VAL A 123 17.95 -20.69 24.85
N PRO A 124 17.17 -21.78 24.75
CA PRO A 124 16.27 -21.87 23.60
C PRO A 124 15.11 -20.89 23.73
N ALA A 125 14.70 -20.56 24.94
CA ALA A 125 13.69 -19.52 25.11
C ALA A 125 14.22 -18.18 24.64
N ARG A 126 15.53 -17.99 24.75
CA ARG A 126 16.15 -16.79 24.18
C ARG A 126 15.81 -16.73 22.71
N ASP A 127 16.10 -17.82 22.01
CA ASP A 127 15.81 -17.92 20.58
C ASP A 127 14.31 -17.92 20.35
N TYR A 128 13.59 -18.57 21.25
CA TYR A 128 12.12 -18.55 21.19
C TYR A 128 11.53 -17.17 21.37
N LEU A 129 12.15 -16.33 22.20
CA LEU A 129 11.76 -14.94 22.23
C LEU A 129 12.07 -14.29 20.90
N ILE A 130 13.31 -14.51 20.47
CA ILE A 130 13.91 -13.82 19.33
C ILE A 130 13.37 -14.17 17.96
N ASP A 131 12.84 -15.37 17.76
CA ASP A 131 12.29 -15.76 16.49
C ASP A 131 10.82 -15.48 16.49
N GLY A 132 10.19 -15.72 17.63
CA GLY A 132 8.78 -15.49 17.74
C GLY A 132 8.45 -14.03 17.52
N SER A 133 9.22 -13.14 18.10
CA SER A 133 8.97 -11.73 17.92
C SER A 133 9.13 -11.36 16.46
N ARG A 134 10.15 -11.89 15.81
CA ARG A 134 10.34 -11.59 14.38
C ARG A 134 9.14 -12.04 13.58
N GLY A 135 8.67 -13.25 13.86
CA GLY A 135 7.52 -13.80 13.17
C GLY A 135 6.28 -12.91 13.26
N ILE A 136 6.02 -12.35 14.43
CA ILE A 136 4.85 -11.51 14.59
C ILE A 136 5.05 -10.29 13.69
N LEU A 137 6.23 -9.70 13.75
CA LEU A 137 6.53 -8.52 12.94
C LEU A 137 6.37 -8.86 11.46
N SER A 138 7.13 -9.84 10.98
CA SER A 138 7.07 -10.26 9.58
C SER A 138 5.62 -10.44 9.10
N GLY A 139 4.93 -11.41 9.69
CA GLY A 139 3.52 -11.68 9.34
C GLY A 139 2.58 -10.50 9.41
N THR A 140 2.81 -9.59 10.35
CA THR A 140 2.01 -8.37 10.44
C THR A 140 2.36 -7.43 9.29
N SER A 141 3.64 -7.37 8.93
CA SER A 141 4.04 -6.62 7.74
C SER A 141 3.31 -7.18 6.52
N ASP A 142 3.27 -8.50 6.41
CA ASP A 142 2.63 -9.15 5.28
C ASP A 142 1.16 -8.79 5.16
N LEU A 143 0.43 -8.75 6.28
CA LEU A 143 -0.94 -8.23 6.23
C LEU A 143 -0.98 -6.81 5.69
N LEU A 144 -0.19 -5.90 6.27
CA LEU A 144 -0.25 -4.51 5.88
C LEU A 144 0.09 -4.30 4.40
N LEU A 145 1.15 -4.96 3.92
CA LEU A 145 1.51 -4.90 2.50
C LEU A 145 0.42 -5.46 1.59
N THR A 146 -0.18 -6.58 1.95
CA THR A 146 -1.24 -7.19 1.14
C THR A 146 -2.47 -6.28 1.06
N PHE A 147 -2.86 -5.69 2.19
CA PHE A 147 -3.98 -4.78 2.26
C PHE A 147 -3.70 -3.53 1.43
N ASP A 148 -2.49 -3.02 1.55
CA ASP A 148 -1.99 -1.91 0.73
C ASP A 148 -2.01 -2.25 -0.77
N GLU A 149 -1.29 -3.31 -1.16
CA GLU A 149 -1.32 -3.81 -2.55
C GLU A 149 -2.72 -3.76 -3.14
N ALA A 150 -3.73 -4.02 -2.32
CA ALA A 150 -5.13 -3.88 -2.72
C ALA A 150 -5.56 -2.43 -2.91
N GLU A 151 -5.17 -1.54 -1.99
CA GLU A 151 -5.45 -0.12 -2.16
C GLU A 151 -4.88 0.36 -3.45
N VAL A 152 -3.62 0.06 -3.70
CA VAL A 152 -3.01 0.46 -4.96
C VAL A 152 -3.79 -0.04 -6.16
N ARG A 153 -4.28 -1.26 -6.12
CA ARG A 153 -5.03 -1.79 -7.25
C ARG A 153 -6.29 -0.99 -7.49
N LYS A 154 -6.95 -0.53 -6.44
CA LYS A 154 -8.15 0.28 -6.59
C LYS A 154 -7.79 1.51 -7.40
N ILE A 155 -6.72 2.19 -6.99
CA ILE A 155 -6.19 3.36 -7.69
C ILE A 155 -5.86 3.00 -9.14
N ILE A 156 -5.21 1.85 -9.32
CA ILE A 156 -4.81 1.44 -10.63
C ILE A 156 -6.03 1.28 -11.52
N ARG A 157 -7.10 0.75 -10.95
CA ARG A 157 -8.29 0.53 -11.76
C ARG A 157 -8.83 1.81 -12.32
N VAL A 158 -8.93 2.82 -11.46
CA VAL A 158 -9.39 4.13 -11.86
C VAL A 158 -8.52 4.58 -13.00
N CYS A 159 -7.23 4.38 -12.81
CA CYS A 159 -6.25 4.71 -13.84
C CYS A 159 -6.54 4.07 -15.20
N LYS A 160 -6.73 2.75 -15.17
CA LYS A 160 -6.90 1.96 -16.39
C LYS A 160 -8.19 2.34 -17.13
N GLY A 161 -9.21 2.64 -16.34
CA GLY A 161 -10.50 3.03 -16.85
C GLY A 161 -10.43 4.37 -17.52
N ILE A 162 -9.66 5.28 -16.93
CA ILE A 162 -9.41 6.57 -17.55
C ILE A 162 -8.69 6.38 -18.86
N LEU A 163 -7.70 5.50 -18.86
CA LEU A 163 -6.99 5.19 -20.06
C LEU A 163 -7.86 4.77 -21.21
N GLU A 164 -8.82 3.90 -20.90
CA GLU A 164 -9.76 3.47 -21.90
C GLU A 164 -10.48 4.71 -22.40
N TYR A 165 -10.90 5.57 -21.48
CA TYR A 165 -11.64 6.77 -21.86
C TYR A 165 -10.94 7.76 -22.73
N LEU A 166 -9.66 7.61 -22.77
CA LEU A 166 -8.81 8.30 -23.74
C LEU A 166 -8.88 7.71 -25.13
N THR A 167 -8.98 6.39 -25.20
CA THR A 167 -9.02 5.71 -26.48
C THR A 167 -10.25 6.13 -27.29
N VAL A 168 -11.33 6.46 -26.60
CA VAL A 168 -12.58 6.86 -27.22
C VAL A 168 -12.61 8.32 -27.61
N ALA A 169 -11.52 9.02 -27.40
CA ALA A 169 -11.44 10.40 -27.82
C ALA A 169 -11.42 10.47 -29.34
N GLU A 170 -10.90 9.41 -29.96
CA GLU A 170 -10.84 9.25 -31.41
C GLU A 170 -12.18 9.37 -32.12
N VAL A 171 -13.23 8.88 -31.50
CA VAL A 171 -14.52 8.79 -32.17
C VAL A 171 -15.40 10.00 -31.98
N VAL A 172 -14.96 11.01 -31.25
CA VAL A 172 -15.80 12.17 -31.07
C VAL A 172 -15.73 13.06 -32.26
N GLU A 173 -16.88 13.39 -32.82
CA GLU A 173 -16.96 14.26 -33.99
C GLU A 173 -18.09 15.31 -33.92
N THR A 174 -18.67 15.54 -32.74
CA THR A 174 -19.82 16.45 -32.63
C THR A 174 -19.74 17.18 -31.32
N MET A 175 -20.08 18.46 -31.30
CA MET A 175 -20.07 19.24 -30.05
C MET A 175 -21.01 18.65 -29.01
N GLU A 176 -22.14 18.12 -29.46
CA GLU A 176 -23.05 17.40 -28.58
C GLU A 176 -22.36 16.22 -27.91
N ASP A 177 -21.53 15.52 -28.67
CA ASP A 177 -20.80 14.38 -28.17
C ASP A 177 -19.71 14.85 -27.28
N LEU A 178 -19.05 15.93 -27.68
CA LEU A 178 -17.96 16.44 -26.91
C LEU A 178 -18.42 16.81 -25.54
N VAL A 179 -19.53 17.51 -25.43
CA VAL A 179 -20.00 17.90 -24.12
C VAL A 179 -20.27 16.74 -23.17
N THR A 180 -20.77 15.61 -23.68
CA THR A 180 -20.99 14.49 -22.81
C THR A 180 -19.64 14.05 -22.42
N TYR A 181 -18.78 13.88 -23.39
CA TYR A 181 -17.46 13.37 -23.08
C TYR A 181 -16.61 14.21 -22.13
N THR A 182 -16.77 15.52 -22.12
CA THR A 182 -16.08 16.30 -21.12
C THR A 182 -16.85 16.12 -19.80
N LYS A 183 -18.15 15.98 -19.89
CA LYS A 183 -18.91 15.80 -18.68
C LYS A 183 -18.62 14.46 -18.08
N ASN A 184 -18.43 13.45 -18.91
CA ASN A 184 -18.12 12.14 -18.42
C ASN A 184 -16.73 12.18 -17.83
N LEU A 185 -15.73 12.40 -18.69
CA LEU A 185 -14.32 12.40 -18.30
C LEU A 185 -13.80 13.41 -17.30
N GLY A 186 -14.57 14.44 -16.98
CA GLY A 186 -14.09 15.44 -16.05
C GLY A 186 -13.87 14.93 -14.65
N PRO A 187 -14.89 14.32 -14.09
CA PRO A 187 -14.87 13.74 -12.74
C PRO A 187 -14.13 12.42 -12.58
N GLY A 188 -13.86 11.71 -13.68
CA GLY A 188 -12.90 10.59 -13.62
C GLY A 188 -11.54 11.14 -13.28
N MET A 189 -11.13 12.16 -14.04
CA MET A 189 -9.91 12.89 -13.81
C MET A 189 -9.75 13.36 -12.37
N THR A 190 -10.84 13.92 -11.82
CA THR A 190 -10.85 14.49 -10.48
C THR A 190 -10.65 13.41 -9.41
N LYS A 191 -11.43 12.34 -9.49
CA LYS A 191 -11.23 11.19 -8.62
C LYS A 191 -9.77 10.81 -8.61
N MET A 192 -9.24 10.49 -9.78
CA MET A 192 -7.84 10.07 -9.93
C MET A 192 -6.89 11.02 -9.21
N ALA A 193 -7.10 12.32 -9.42
CA ALA A 193 -6.34 13.34 -8.69
C ALA A 193 -6.35 13.16 -7.18
N LYS A 194 -7.53 13.09 -6.57
CA LYS A 194 -7.63 12.92 -5.13
C LYS A 194 -6.86 11.69 -4.67
N MET A 195 -7.07 10.56 -5.36
CA MET A 195 -6.41 9.30 -5.01
C MET A 195 -4.90 9.42 -4.99
N ILE A 196 -4.30 9.94 -6.06
CA ILE A 196 -2.84 10.02 -6.15
C ILE A 196 -2.23 11.08 -5.24
N ASP A 197 -2.95 12.18 -5.03
CA ASP A 197 -2.48 13.19 -4.08
C ASP A 197 -2.42 12.63 -2.66
N GLU A 198 -3.39 11.82 -2.29
CA GLU A 198 -3.35 11.23 -0.96
C GLU A 198 -2.40 10.06 -0.87
N ARG A 199 -2.18 9.35 -1.98
CA ARG A 199 -1.22 8.24 -2.04
C ARG A 199 0.20 8.73 -2.00
N GLN A 200 0.54 9.82 -2.68
CA GLN A 200 1.90 10.35 -2.63
C GLN A 200 2.26 10.84 -1.22
N GLN A 201 1.28 11.43 -0.53
CA GLN A 201 1.43 11.78 0.89
C GLN A 201 1.72 10.58 1.78
N GLU A 202 1.10 9.45 1.47
CA GLU A 202 1.23 8.23 2.24
C GLU A 202 2.53 7.47 2.10
N LEU A 203 3.38 7.84 1.15
CA LEU A 203 4.55 7.00 0.91
C LEU A 203 5.82 7.62 1.42
N THR A 204 6.69 6.75 1.91
CA THR A 204 7.91 7.11 2.61
C THR A 204 8.96 7.59 1.66
N HIS A 205 9.14 6.91 0.54
CA HIS A 205 10.19 7.28 -0.38
C HIS A 205 9.82 8.61 -1.03
N GLN A 206 10.81 9.49 -1.16
CA GLN A 206 10.62 10.83 -1.74
C GLN A 206 10.82 10.82 -3.24
N GLU A 207 11.79 10.05 -3.71
CA GLU A 207 12.07 9.92 -5.14
C GLU A 207 10.83 9.50 -5.91
N HIS A 208 10.12 8.52 -5.39
CA HIS A 208 8.89 8.07 -6.01
C HIS A 208 7.82 9.15 -5.93
N ARG A 209 7.76 9.84 -4.79
CA ARG A 209 6.79 10.93 -4.60
C ARG A 209 6.81 11.94 -5.74
N VAL A 210 7.98 12.42 -6.10
CA VAL A 210 8.07 13.39 -7.19
C VAL A 210 7.58 12.80 -8.48
N MET A 211 7.96 11.55 -8.73
CA MET A 211 7.58 10.87 -9.95
C MET A 211 6.06 10.91 -10.14
N LEU A 212 5.31 10.67 -9.07
CA LEU A 212 3.86 10.79 -9.15
C LEU A 212 3.45 12.25 -9.38
N VAL A 213 3.74 13.14 -8.43
CA VAL A 213 3.34 14.56 -8.50
C VAL A 213 3.68 15.20 -9.84
N ASN A 214 4.89 14.97 -10.33
CA ASN A 214 5.29 15.45 -11.66
C ASN A 214 4.35 14.89 -12.72
N SER A 215 4.26 13.56 -12.74
CA SER A 215 3.46 12.88 -13.75
C SER A 215 1.99 13.32 -13.76
N MET A 216 1.41 13.49 -12.58
CA MET A 216 0.00 13.87 -12.41
C MET A 216 -0.28 15.36 -12.67
N ASN A 217 0.71 16.22 -12.44
CA ASN A 217 0.60 17.62 -12.81
C ASN A 217 0.56 17.75 -14.32
N THR A 218 1.44 17.01 -15.01
CA THR A 218 1.44 16.95 -16.49
C THR A 218 0.04 16.59 -17.01
N VAL A 219 -0.60 15.60 -16.40
CA VAL A 219 -1.96 15.23 -16.78
C VAL A 219 -2.93 16.39 -16.50
N LYS A 220 -3.12 16.80 -15.26
CA LYS A 220 -4.03 17.94 -14.94
C LYS A 220 -3.95 19.12 -15.92
N GLU A 221 -2.73 19.42 -16.38
CA GLU A 221 -2.50 20.42 -17.44
C GLU A 221 -3.14 20.04 -18.76
N LEU A 222 -2.91 18.82 -19.18
CA LEU A 222 -3.38 18.37 -20.47
C LEU A 222 -4.86 18.25 -20.68
N LEU A 223 -5.63 18.12 -19.61
CA LEU A 223 -7.08 17.94 -19.72
C LEU A 223 -7.70 19.08 -20.52
N PRO A 224 -7.36 20.32 -20.19
CA PRO A 224 -7.87 21.48 -20.94
C PRO A 224 -7.38 21.49 -22.36
N VAL A 225 -6.12 21.11 -22.53
CA VAL A 225 -5.52 21.05 -23.82
C VAL A 225 -6.23 20.03 -24.68
N LEU A 226 -6.52 18.88 -24.12
CA LEU A 226 -7.21 17.88 -24.87
C LEU A 226 -8.58 18.38 -25.27
N ILE A 227 -9.31 18.97 -24.34
CA ILE A 227 -10.62 19.49 -24.69
C ILE A 227 -10.46 20.41 -25.90
N SER A 228 -9.66 21.46 -25.76
CA SER A 228 -9.34 22.33 -26.89
C SER A 228 -9.01 21.53 -28.16
N ALA A 229 -7.90 20.79 -28.18
CA ALA A 229 -7.51 20.03 -29.39
C ALA A 229 -8.67 19.27 -30.03
N MET A 230 -9.64 18.87 -29.22
CA MET A 230 -10.83 18.21 -29.73
C MET A 230 -11.78 19.20 -30.36
N LYS A 231 -12.11 20.28 -29.67
CA LYS A 231 -12.94 21.34 -30.24
C LYS A 231 -12.40 21.82 -31.59
N ILE A 232 -11.08 21.88 -31.74
CA ILE A 232 -10.47 22.28 -33.02
C ILE A 232 -10.78 21.21 -34.08
N PHE A 233 -10.69 19.96 -33.69
CA PHE A 233 -10.94 18.85 -34.61
C PHE A 233 -12.37 18.89 -35.05
N VAL A 234 -13.28 19.01 -34.10
CA VAL A 234 -14.68 19.00 -34.39
C VAL A 234 -14.96 20.09 -35.41
N THR A 235 -14.46 21.29 -35.17
CA THR A 235 -14.83 22.39 -36.01
C THR A 235 -14.33 22.12 -37.42
N THR A 236 -13.10 21.66 -37.58
CA THR A 236 -12.61 21.45 -38.93
C THR A 236 -13.36 20.34 -39.64
N LYS A 237 -13.76 19.31 -38.91
CA LYS A 237 -14.58 18.23 -39.47
C LYS A 237 -15.90 18.78 -39.99
N ASN A 238 -16.48 19.71 -39.25
CA ASN A 238 -17.76 20.29 -39.64
C ASN A 238 -17.58 21.61 -40.38
N THR A 239 -16.35 21.93 -40.73
CA THR A 239 -16.08 23.17 -41.43
C THR A 239 -15.72 22.99 -42.91
N LYS A 240 -15.65 21.74 -43.37
CA LYS A 240 -15.17 21.41 -44.72
C LYS A 240 -13.92 22.21 -45.13
N SER A 241 -12.91 22.18 -44.27
CA SER A 241 -11.67 22.91 -44.55
C SER A 241 -10.39 22.06 -44.47
N GLN A 242 -9.27 22.69 -44.79
CA GLN A 242 -7.93 22.07 -44.79
C GLN A 242 -7.34 22.00 -43.39
N GLY A 243 -6.14 21.44 -43.29
CA GLY A 243 -5.48 21.28 -42.00
C GLY A 243 -6.31 20.45 -41.03
N ILE A 244 -7.17 19.61 -41.57
CA ILE A 244 -7.95 18.70 -40.77
C ILE A 244 -7.01 17.68 -40.13
N GLU A 245 -6.09 17.19 -40.94
CA GLU A 245 -5.07 16.26 -40.49
C GLU A 245 -4.29 16.84 -39.33
N GLU A 246 -3.95 18.12 -39.40
CA GLU A 246 -3.11 18.71 -38.37
C GLU A 246 -3.80 18.70 -37.01
N ALA A 247 -5.08 19.08 -36.99
CA ALA A 247 -5.85 19.14 -35.74
C ALA A 247 -5.91 17.77 -35.12
N LEU A 248 -6.05 16.78 -35.99
CA LEU A 248 -6.06 15.37 -35.63
C LEU A 248 -4.75 14.91 -35.00
N LYS A 249 -3.63 15.29 -35.63
CA LYS A 249 -2.29 14.98 -35.10
C LYS A 249 -2.16 15.48 -33.66
N ASN A 250 -2.37 16.78 -33.44
CA ASN A 250 -2.26 17.33 -32.09
C ASN A 250 -3.24 16.74 -31.11
N ARG A 251 -4.33 16.16 -31.62
CA ARG A 251 -5.31 15.51 -30.78
C ARG A 251 -4.64 14.27 -30.28
N ASN A 252 -4.33 13.38 -31.21
CA ASN A 252 -3.80 12.09 -30.92
C ASN A 252 -2.59 12.24 -30.04
N PHE A 253 -1.77 13.23 -30.35
CA PHE A 253 -0.58 13.46 -29.54
C PHE A 253 -0.96 13.71 -28.09
N THR A 254 -1.95 14.58 -27.86
CA THR A 254 -2.35 14.87 -26.48
C THR A 254 -2.76 13.58 -25.79
N VAL A 255 -3.55 12.79 -26.45
CA VAL A 255 -3.96 11.54 -25.84
C VAL A 255 -2.75 10.62 -25.63
N GLU A 256 -1.82 10.56 -26.58
CA GLU A 256 -0.64 9.71 -26.40
C GLU A 256 0.07 10.10 -25.15
N LYS A 257 0.42 11.39 -25.08
CA LYS A 257 1.16 11.90 -23.97
C LYS A 257 0.43 11.75 -22.66
N MET A 258 -0.86 11.96 -22.69
CA MET A 258 -1.65 11.78 -21.51
C MET A 258 -1.52 10.35 -21.02
N SER A 259 -1.72 9.40 -21.93
CA SER A 259 -1.67 8.01 -21.55
C SER A 259 -0.30 7.66 -21.03
N ALA A 260 0.73 8.07 -21.73
CA ALA A 260 2.10 7.83 -21.25
C ALA A 260 2.21 8.17 -19.76
N GLU A 261 1.82 9.38 -19.38
CA GLU A 261 1.83 9.76 -17.98
C GLU A 261 0.97 8.86 -17.11
N ILE A 262 -0.21 8.48 -17.57
CA ILE A 262 -1.08 7.66 -16.71
C ILE A 262 -0.43 6.31 -16.48
N ASN A 263 0.06 5.68 -17.55
CA ASN A 263 0.74 4.36 -17.42
C ASN A 263 1.99 4.45 -16.56
N GLU A 264 2.62 5.62 -16.54
CA GLU A 264 3.73 5.87 -15.64
C GLU A 264 3.26 5.90 -14.20
N ILE A 265 2.20 6.67 -13.92
CA ILE A 265 1.61 6.69 -12.59
C ILE A 265 1.33 5.26 -12.14
N ILE A 266 0.56 4.53 -12.94
CA ILE A 266 0.32 3.08 -12.73
C ILE A 266 1.58 2.30 -12.33
N ARG A 267 2.69 2.57 -13.01
CA ARG A 267 3.96 1.84 -12.86
C ARG A 267 4.70 2.23 -11.58
N VAL A 268 4.85 3.54 -11.36
CA VAL A 268 5.46 4.07 -10.13
C VAL A 268 4.68 3.67 -8.88
N LEU A 269 3.36 3.63 -8.98
CA LEU A 269 2.54 3.11 -7.88
C LEU A 269 2.94 1.70 -7.43
N GLN A 270 3.52 0.92 -8.34
CA GLN A 270 3.91 -0.46 -8.06
C GLN A 270 5.39 -0.67 -7.67
N LEU A 271 6.11 0.38 -7.33
CA LEU A 271 7.51 0.24 -6.95
C LEU A 271 7.63 0.16 -5.46
N THR A 272 8.33 -0.88 -4.99
CA THR A 272 8.75 -0.99 -3.60
C THR A 272 10.25 -0.83 -3.43
N SER A 273 11.02 -1.16 -4.46
CA SER A 273 12.49 -1.10 -4.39
C SER A 273 13.03 0.30 -4.08
N LEU B 2 -7.83 -2.35 9.84
CA LEU B 2 -6.36 -2.55 9.75
C LEU B 2 -5.63 -2.17 11.01
N GLU B 3 -6.30 -1.61 12.01
CA GLU B 3 -5.60 -1.19 13.19
C GLU B 3 -5.58 -2.24 14.28
N ALA B 4 -6.12 -3.42 14.02
CA ALA B 4 -5.89 -4.54 14.93
C ALA B 4 -4.38 -4.73 14.92
N ALA B 5 -3.81 -4.60 13.73
CA ALA B 5 -2.37 -4.61 13.56
C ALA B 5 -1.61 -3.64 14.47
N ARG B 6 -2.16 -2.47 14.76
CA ARG B 6 -1.56 -1.59 15.77
C ARG B 6 -1.63 -2.22 17.16
N ASN B 7 -2.80 -2.77 17.52
CA ASN B 7 -2.98 -3.45 18.81
C ASN B 7 -1.89 -4.48 19.03
N THR B 8 -1.76 -5.41 18.08
CA THR B 8 -0.70 -6.42 18.10
C THR B 8 0.68 -5.77 18.30
N THR B 9 1.01 -4.83 17.43
CA THR B 9 2.27 -4.11 17.51
C THR B 9 2.51 -3.52 18.89
N THR B 10 1.46 -3.27 19.65
CA THR B 10 1.65 -2.64 20.94
C THR B 10 1.94 -3.63 22.04
N MET B 11 1.18 -4.72 22.09
CA MET B 11 1.40 -5.72 23.12
C MET B 11 2.77 -6.31 23.02
N LEU B 12 3.21 -6.61 21.80
CA LEU B 12 4.53 -7.11 21.58
C LEU B 12 5.57 -6.08 22.00
N SER B 13 5.33 -4.83 21.65
CA SER B 13 6.29 -3.79 22.01
C SER B 13 6.48 -3.76 23.51
N LYS B 14 5.34 -3.70 24.20
CA LYS B 14 5.30 -3.60 25.66
C LYS B 14 6.00 -4.77 26.33
N THR B 15 5.82 -5.95 25.78
CA THR B 15 6.48 -7.15 26.24
C THR B 15 7.99 -7.04 26.25
N LEU B 16 8.56 -6.40 25.26
CA LEU B 16 10.02 -6.30 25.23
C LEU B 16 10.55 -5.43 26.37
N SER B 17 11.03 -6.14 27.39
CA SER B 17 11.58 -5.54 28.60
C SER B 17 12.47 -6.55 29.35
#